data_6OOM
#
_entry.id   6OOM
#
_cell.length_a   95.239
_cell.length_b   63.031
_cell.length_c   102.340
_cell.angle_alpha   90.00
_cell.angle_beta   101.28
_cell.angle_gamma   90.00
#
_symmetry.space_group_name_H-M   'C 1 2 1'
#
loop_
_entity.id
_entity.type
_entity.pdbx_description
1 polymer 'Multidrug transporter MdfA'
2 non-polymer 'LAURYL DIMETHYLAMINE-N-OXIDE'
3 non-polymer 'PRASEODYMIUM ION'
4 water water
#
_entity_poly.entity_id   1
_entity_poly.type   'polypeptide(L)'
_entity_poly.pdbx_seq_one_letter_code
;ARLGRQALLFPLCLVLYEFSTYIGNDMIQPGMLAVVEQYQAGIDWVPTSMTAYLAGGMFLQWLLGPLSDRIGRRPVMLAG
VVWFIVTCLAILLAQNIEQFTLLRFLQGISLCFIGAVGYAAIQESFEEAVCIKITALMANVALIAPLLGPLVGAAWIHVL
PWEGMFVLFAALAAISFFGLQRAMPETATRIGEKLSLKELGRDYKLVLKNGRFVAGALALGFVSLPLLAWTAQSPIIIIT
GEQLSSYEYGLLQVPIFGALIAGNLLLARLTSRRTVRSLIIMGGWPIMIGLLVAAAATVISSHAYLWMTAGLSIYAFGIG
LANAGLVRLTLFASDMSKGTVSAAMEMLQMLIFTVGIEISKHAWLNGGNGLFNLFNLVNGILWLSLMVIFLK
;
_entity_poly.pdbx_strand_id   A
#
loop_
_chem_comp.id
_chem_comp.type
_chem_comp.name
_chem_comp.formula
LDA non-polymer 'LAURYL DIMETHYLAMINE-N-OXIDE' 'C14 H31 N O'
PR non-polymer 'PRASEODYMIUM ION' 'Pr 3'
#
# COMPACT_ATOMS: atom_id res chain seq x y z
N ALA A 1 0.97 -8.39 36.24
CA ALA A 1 0.68 -9.75 35.70
C ALA A 1 0.64 -9.73 34.16
N ARG A 2 1.76 -9.33 33.55
CA ARG A 2 1.84 -9.16 32.09
C ARG A 2 3.24 -9.40 31.52
N LEU A 3 3.43 -10.55 30.88
CA LEU A 3 4.70 -10.91 30.26
C LEU A 3 4.56 -12.02 29.21
N GLY A 4 3.74 -13.03 29.52
CA GLY A 4 3.50 -14.15 28.60
C GLY A 4 2.35 -13.87 27.66
N ARG A 5 1.17 -13.62 28.24
CA ARG A 5 -0.04 -13.28 27.49
C ARG A 5 0.07 -11.91 26.81
N GLN A 6 0.87 -11.03 27.41
CA GLN A 6 1.07 -9.68 26.89
C GLN A 6 2.32 -9.60 25.99
N ALA A 7 2.87 -10.76 25.65
CA ALA A 7 3.99 -10.84 24.71
C ALA A 7 3.47 -10.75 23.27
N LEU A 8 2.37 -11.46 23.00
CA LEU A 8 1.77 -11.49 21.67
C LEU A 8 0.69 -10.43 21.47
N LEU A 9 0.43 -9.64 22.51
CA LEU A 9 -0.47 -8.49 22.40
C LEU A 9 0.17 -7.36 21.62
N PHE A 10 1.49 -7.20 21.77
CA PHE A 10 2.24 -6.16 21.08
C PHE A 10 2.18 -6.28 19.54
N PRO A 11 2.53 -7.47 18.98
CA PRO A 11 2.39 -7.61 17.52
C PRO A 11 0.94 -7.54 17.06
N LEU A 12 0.02 -7.96 17.92
CA LEU A 12 -1.41 -7.98 17.61
C LEU A 12 -1.96 -6.58 17.40
N CYS A 13 -1.55 -5.65 18.26
CA CYS A 13 -1.99 -4.26 18.19
C CYS A 13 -1.33 -3.46 17.07
N LEU A 14 -0.09 -3.83 16.75
CA LEU A 14 0.61 -3.25 15.61
C LEU A 14 -0.07 -3.71 14.31
N VAL A 15 -0.55 -4.95 14.31
CA VAL A 15 -1.31 -5.50 13.18
C VAL A 15 -2.65 -4.76 13.04
N LEU A 16 -3.31 -4.50 14.17
CA LEU A 16 -4.56 -3.75 14.18
C LEU A 16 -4.36 -2.32 13.66
N TYR A 17 -3.25 -1.69 14.03
CA TYR A 17 -2.89 -0.37 13.53
C TYR A 17 -2.60 -0.39 12.01
N GLU A 18 -1.87 -1.41 11.58
CA GLU A 18 -1.62 -1.65 10.16
C GLU A 18 -2.94 -1.85 9.40
N PHE A 19 -3.87 -2.59 9.99
CA PHE A 19 -5.17 -2.83 9.38
C PHE A 19 -5.97 -1.53 9.21
N SER A 20 -5.98 -0.70 10.26
CA SER A 20 -6.77 0.53 10.23
C SER A 20 -6.20 1.61 9.30
N THR A 21 -4.88 1.65 9.15
CA THR A 21 -4.25 2.55 8.18
C THR A 21 -4.50 2.11 6.74
N TYR A 22 -4.69 0.80 6.54
CA TYR A 22 -4.89 0.23 5.20
C TYR A 22 -6.34 0.38 4.71
N ILE A 23 -7.31 0.03 5.54
CA ILE A 23 -8.72 0.31 5.23
C ILE A 23 -8.96 1.82 5.23
N GLY A 24 -8.09 2.55 5.94
CA GLY A 24 -8.07 4.01 5.90
C GLY A 24 -7.93 4.52 4.48
N ASN A 25 -7.31 3.71 3.62
CA ASN A 25 -7.31 3.96 2.18
C ASN A 25 -8.41 3.18 1.46
N ASP A 26 -8.52 1.88 1.77
CA ASP A 26 -9.35 0.95 1.01
C ASP A 26 -10.87 1.07 1.22
N MET A 27 -11.30 1.42 2.42
CA MET A 27 -12.73 1.68 2.67
C MET A 27 -13.15 3.02 2.09
N ILE A 28 -12.22 3.97 2.06
CA ILE A 28 -12.52 5.34 1.68
C ILE A 28 -12.83 5.52 0.19
N GLN A 29 -12.14 4.76 -0.67
CA GLN A 29 -12.31 4.87 -2.12
C GLN A 29 -13.74 4.71 -2.64
N PRO A 30 -14.47 3.66 -2.21
CA PRO A 30 -15.88 3.60 -2.59
C PRO A 30 -16.71 4.73 -1.98
N GLY A 31 -16.44 5.07 -0.72
CA GLY A 31 -17.17 6.14 -0.02
C GLY A 31 -16.84 7.53 -0.57
N MET A 32 -15.86 7.57 -1.46
CA MET A 32 -15.33 8.81 -2.01
C MET A 32 -16.32 9.48 -2.98
N LEU A 33 -17.21 8.68 -3.56
CA LEU A 33 -18.29 9.20 -4.41
C LEU A 33 -19.29 10.02 -3.60
N ALA A 34 -19.60 9.55 -2.39
CA ALA A 34 -20.43 10.30 -1.45
C ALA A 34 -19.76 11.61 -1.04
N VAL A 35 -18.45 11.56 -0.79
CA VAL A 35 -17.65 12.72 -0.40
C VAL A 35 -17.68 13.79 -1.49
N VAL A 36 -17.43 13.36 -2.72
CA VAL A 36 -17.42 14.22 -3.90
C VAL A 36 -18.79 14.89 -4.13
N GLU A 37 -19.86 14.14 -3.87
CA GLU A 37 -21.24 14.64 -3.96
C GLU A 37 -21.54 15.68 -2.87
N GLN A 38 -21.07 15.40 -1.65
CA GLN A 38 -21.34 16.26 -0.49
C GLN A 38 -20.59 17.59 -0.53
N TYR A 39 -19.42 17.59 -1.19
CA TYR A 39 -18.65 18.81 -1.38
C TYR A 39 -18.96 19.49 -2.71
N GLN A 40 -19.73 18.80 -3.54
CA GLN A 40 -19.96 19.19 -4.94
C GLN A 40 -18.66 19.46 -5.70
N ALA A 41 -17.76 18.48 -5.60
CA ALA A 41 -16.49 18.50 -6.32
C ALA A 41 -16.57 17.49 -7.46
N GLY A 42 -15.73 17.69 -8.48
CA GLY A 42 -15.70 16.78 -9.62
C GLY A 42 -15.16 15.40 -9.27
N ILE A 43 -15.54 14.40 -10.09
CA ILE A 43 -15.09 13.02 -9.92
C ILE A 43 -13.56 12.85 -10.00
N ASP A 44 -12.86 13.87 -10.50
CA ASP A 44 -11.41 13.84 -10.63
C ASP A 44 -10.69 13.90 -9.28
N TRP A 45 -11.42 14.26 -8.23
CA TRP A 45 -10.89 14.30 -6.87
C TRP A 45 -10.99 12.95 -6.16
N VAL A 46 -11.68 11.99 -6.78
CA VAL A 46 -11.82 10.63 -6.22
C VAL A 46 -10.48 9.89 -6.11
N PRO A 47 -9.73 9.73 -7.23
CA PRO A 47 -8.44 9.05 -7.05
C PRO A 47 -7.38 9.90 -6.33
N THR A 48 -7.57 11.20 -6.32
CA THR A 48 -6.63 12.13 -5.66
C THR A 48 -6.64 11.94 -4.13
N SER A 49 -7.72 11.36 -3.61
CA SER A 49 -7.80 11.00 -2.19
C SER A 49 -6.71 10.01 -1.86
N MET A 50 -6.60 8.98 -2.69
CA MET A 50 -5.57 7.96 -2.52
C MET A 50 -4.15 8.50 -2.78
N THR A 51 -3.99 9.26 -3.86
CA THR A 51 -2.72 9.90 -4.19
C THR A 51 -2.14 10.66 -3.00
N ALA A 52 -2.97 11.48 -2.35
CA ALA A 52 -2.54 12.26 -1.19
C ALA A 52 -2.19 11.37 0.00
N TYR A 53 -2.98 10.33 0.21
CA TYR A 53 -2.78 9.37 1.30
C TYR A 53 -1.45 8.66 1.13
N LEU A 54 -1.15 8.24 -0.09
CA LEU A 54 0.12 7.59 -0.40
C LEU A 54 1.31 8.56 -0.43
N ALA A 55 1.06 9.82 -0.81
CA ALA A 55 2.10 10.85 -0.79
C ALA A 55 2.55 11.11 0.64
N GLY A 56 1.58 11.17 1.55
CA GLY A 56 1.85 11.25 2.99
C GLY A 56 2.57 10.00 3.49
N GLY A 57 2.27 8.87 2.86
CA GLY A 57 2.89 7.60 3.20
C GLY A 57 4.38 7.46 2.92
N MET A 58 4.95 8.40 2.17
CA MET A 58 6.37 8.37 1.79
C MET A 58 7.12 9.58 2.35
N PHE A 59 6.46 10.32 3.23
CA PHE A 59 6.94 11.62 3.66
C PHE A 59 8.01 11.58 4.77
N LEU A 60 7.91 10.59 5.66
CA LEU A 60 8.75 10.58 6.87
C LEU A 60 9.57 9.32 7.20
N GLN A 61 9.41 8.24 6.44
CA GLN A 61 10.14 6.98 6.74
C GLN A 61 11.63 7.19 6.96
N TRP A 62 12.24 7.97 6.06
CA TRP A 62 13.66 8.30 6.11
C TRP A 62 14.11 8.87 7.46
N LEU A 63 13.23 9.62 8.12
CA LEU A 63 13.53 10.25 9.39
C LEU A 63 13.17 9.35 10.56
N LEU A 64 11.98 8.76 10.53
CA LEU A 64 11.39 8.04 11.66
C LEU A 64 12.22 6.88 12.21
N GLY A 65 12.83 6.10 11.31
CA GLY A 65 13.71 4.99 11.69
C GLY A 65 14.84 5.39 12.64
N PRO A 66 15.81 6.18 12.15
CA PRO A 66 16.92 6.62 13.00
C PRO A 66 16.53 7.57 14.14
N LEU A 67 15.42 8.29 13.98
CA LEU A 67 14.92 9.18 15.05
C LEU A 67 14.37 8.37 16.23
N SER A 68 13.57 7.35 15.93
CA SER A 68 13.03 6.44 16.94
C SER A 68 14.15 5.61 17.59
N ASP A 69 15.28 5.51 16.88
CA ASP A 69 16.45 4.83 17.41
C ASP A 69 17.16 5.69 18.47
N ARG A 70 16.99 7.00 18.38
CA ARG A 70 17.66 7.95 19.29
C ARG A 70 16.79 8.40 20.46
N ILE A 71 15.48 8.51 20.24
CA ILE A 71 14.59 9.01 21.29
C ILE A 71 13.62 7.96 21.85
N GLY A 72 13.53 6.82 21.17
CA GLY A 72 12.69 5.71 21.63
C GLY A 72 11.69 5.22 20.61
N ARG A 73 11.61 3.89 20.45
CA ARG A 73 10.62 3.26 19.57
C ARG A 73 9.21 3.41 20.12
N ARG A 74 9.08 3.38 21.44
CA ARG A 74 7.78 3.56 22.11
C ARG A 74 7.15 4.94 21.85
N PRO A 75 7.80 6.04 22.29
CA PRO A 75 7.17 7.36 22.13
C PRO A 75 6.88 7.76 20.67
N VAL A 76 7.76 7.40 19.74
CA VAL A 76 7.56 7.70 18.31
C VAL A 76 6.38 6.93 17.71
N MET A 77 6.27 5.65 18.06
CA MET A 77 5.18 4.79 17.59
C MET A 77 3.82 5.23 18.14
N LEU A 78 3.80 5.60 19.42
CA LEU A 78 2.58 6.09 20.05
C LEU A 78 2.16 7.44 19.52
N ALA A 79 3.15 8.25 19.14
CA ALA A 79 2.90 9.56 18.51
C ALA A 79 2.27 9.40 17.13
N GLY A 80 2.67 8.35 16.42
CA GLY A 80 2.12 8.02 15.11
C GLY A 80 0.67 7.58 15.18
N VAL A 81 0.36 6.75 16.18
CA VAL A 81 -1.00 6.26 16.40
C VAL A 81 -1.93 7.44 16.76
N VAL A 82 -1.45 8.30 17.67
CA VAL A 82 -2.20 9.51 18.07
C VAL A 82 -2.45 10.44 16.88
N TRP A 83 -1.40 10.69 16.10
CA TRP A 83 -1.51 11.51 14.88
C TRP A 83 -2.60 11.02 13.93
N PHE A 84 -2.63 9.71 13.69
CA PHE A 84 -3.67 9.08 12.87
C PHE A 84 -5.07 9.33 13.42
N ILE A 85 -5.26 9.08 14.72
CA ILE A 85 -6.55 9.32 15.39
C ILE A 85 -6.99 10.77 15.20
N VAL A 86 -6.10 11.70 15.54
CA VAL A 86 -6.38 13.14 15.48
C VAL A 86 -6.74 13.61 14.07
N THR A 87 -5.96 13.18 13.07
CA THR A 87 -6.19 13.58 11.68
C THR A 87 -7.39 12.86 11.05
N CYS A 88 -7.77 11.71 11.61
CA CYS A 88 -9.00 11.02 11.19
C CYS A 88 -10.23 11.82 11.61
N LEU A 89 -10.23 12.29 12.85
CA LEU A 89 -11.32 13.13 13.37
C LEU A 89 -11.30 14.52 12.76
N ALA A 90 -10.10 15.03 12.43
CA ALA A 90 -9.95 16.38 11.90
C ALA A 90 -10.56 16.57 10.51
N ILE A 91 -10.64 15.48 9.74
CA ILE A 91 -11.20 15.54 8.38
C ILE A 91 -12.71 15.78 8.36
N LEU A 92 -13.36 15.63 9.52
CA LEU A 92 -14.80 15.88 9.63
C LEU A 92 -15.12 17.38 9.55
N LEU A 93 -14.13 18.21 9.83
CA LEU A 93 -14.31 19.67 9.85
C LEU A 93 -13.83 20.31 8.54
N ALA A 94 -13.48 19.47 7.56
CA ALA A 94 -13.03 19.93 6.26
C ALA A 94 -14.18 20.61 5.52
N GLN A 95 -13.90 21.80 4.99
CA GLN A 95 -14.93 22.67 4.44
C GLN A 95 -15.02 22.59 2.92
N ASN A 96 -13.93 22.19 2.29
CA ASN A 96 -13.94 21.86 0.86
C ASN A 96 -13.08 20.63 0.57
N ILE A 97 -13.10 20.20 -0.70
CA ILE A 97 -12.37 19.00 -1.12
C ILE A 97 -10.85 19.16 -1.00
N GLU A 98 -10.36 20.40 -1.16
CA GLU A 98 -8.93 20.69 -1.00
C GLU A 98 -8.47 20.44 0.43
N GLN A 99 -9.29 20.88 1.39
CA GLN A 99 -9.02 20.65 2.81
C GLN A 99 -9.14 19.17 3.15
N PHE A 100 -10.08 18.50 2.50
CA PHE A 100 -10.28 17.05 2.66
C PHE A 100 -9.04 16.31 2.19
N THR A 101 -8.55 16.71 1.00
CA THR A 101 -7.36 16.12 0.38
C THR A 101 -6.08 16.40 1.18
N LEU A 102 -6.03 17.58 1.81
CA LEU A 102 -4.88 17.97 2.61
C LEU A 102 -4.76 17.12 3.87
N LEU A 103 -5.90 16.87 4.52
CA LEU A 103 -5.95 16.01 5.69
C LEU A 103 -5.78 14.55 5.33
N ARG A 104 -6.07 14.23 4.08
CA ARG A 104 -5.85 12.90 3.50
C ARG A 104 -4.34 12.64 3.40
N PHE A 105 -3.61 13.69 3.03
CA PHE A 105 -2.13 13.66 3.03
C PHE A 105 -1.58 13.50 4.45
N LEU A 106 -2.14 14.24 5.40
CA LEU A 106 -1.67 14.20 6.79
C LEU A 106 -1.99 12.86 7.46
N GLN A 107 -3.14 12.27 7.11
CA GLN A 107 -3.49 10.93 7.59
C GLN A 107 -2.51 9.87 7.10
N GLY A 108 -2.12 9.98 5.82
CA GLY A 108 -1.22 9.02 5.18
C GLY A 108 0.17 8.94 5.79
N ILE A 109 0.60 10.03 6.44
CA ILE A 109 1.86 10.05 7.17
C ILE A 109 1.94 8.92 8.22
N SER A 110 0.77 8.46 8.67
CA SER A 110 0.69 7.38 9.65
C SER A 110 1.24 6.04 9.14
N LEU A 111 1.28 5.88 7.82
CA LEU A 111 1.85 4.69 7.18
C LEU A 111 3.35 4.56 7.45
N CYS A 112 4.03 5.70 7.52
CA CYS A 112 5.49 5.73 7.71
C CYS A 112 5.96 5.10 9.01
N PHE A 113 5.07 5.01 9.99
CA PHE A 113 5.39 4.44 11.30
C PHE A 113 5.37 2.91 11.34
N ILE A 114 4.71 2.29 10.35
CA ILE A 114 4.56 0.83 10.32
C ILE A 114 5.90 0.13 10.11
N GLY A 115 6.58 0.45 9.02
CA GLY A 115 7.87 -0.17 8.70
C GLY A 115 9.04 0.39 9.48
N ALA A 116 9.19 1.71 9.46
CA ALA A 116 10.38 2.38 10.00
C ALA A 116 10.56 2.26 11.52
N VAL A 117 9.45 2.16 12.25
CA VAL A 117 9.53 2.03 13.72
C VAL A 117 8.81 0.79 14.23
N GLY A 118 7.57 0.57 13.79
CA GLY A 118 6.77 -0.57 14.22
C GLY A 118 7.45 -1.91 13.99
N TYR A 119 7.78 -2.19 12.73
CA TYR A 119 8.37 -3.46 12.34
C TYR A 119 9.84 -3.59 12.76
N ALA A 120 10.51 -2.45 12.90
CA ALA A 120 11.87 -2.44 13.43
C ALA A 120 11.88 -2.95 14.87
N ALA A 121 10.87 -2.55 15.64
CA ALA A 121 10.67 -3.02 17.01
C ALA A 121 10.35 -4.52 17.06
N ILE A 122 9.69 -5.03 16.01
CA ILE A 122 9.40 -6.47 15.87
C ILE A 122 10.71 -7.26 15.67
N GLN A 123 11.53 -6.79 14.74
CA GLN A 123 12.84 -7.40 14.45
C GLN A 123 13.75 -7.40 15.68
N GLU A 124 13.70 -6.32 16.44
CA GLU A 124 14.52 -6.16 17.65
C GLU A 124 13.96 -6.92 18.86
N SER A 125 12.67 -7.31 18.80
CA SER A 125 12.00 -7.91 19.96
C SER A 125 11.93 -9.43 19.96
N PHE A 126 11.78 -10.02 18.78
CA PHE A 126 11.49 -11.45 18.68
C PHE A 126 12.60 -12.24 18.00
N GLU A 127 12.63 -13.54 18.27
CA GLU A 127 13.54 -14.47 17.61
C GLU A 127 13.24 -14.54 16.11
N GLU A 128 14.24 -14.91 15.32
CA GLU A 128 14.12 -15.02 13.86
C GLU A 128 12.88 -15.82 13.41
N ALA A 129 12.62 -16.94 14.09
CA ALA A 129 11.50 -17.83 13.77
C ALA A 129 10.13 -17.21 14.03
N VAL A 130 9.96 -16.61 15.20
CA VAL A 130 8.71 -15.97 15.60
C VAL A 130 8.44 -14.69 14.78
N CYS A 131 9.52 -13.98 14.44
CA CYS A 131 9.46 -12.78 13.60
C CYS A 131 8.87 -13.07 12.21
N ILE A 132 9.23 -14.24 11.66
CA ILE A 132 8.71 -14.72 10.37
C ILE A 132 7.20 -14.90 10.42
N LYS A 133 6.70 -15.43 11.53
CA LYS A 133 5.27 -15.65 11.72
C LYS A 133 4.49 -14.34 11.77
N ILE A 134 5.07 -13.34 12.45
CA ILE A 134 4.46 -12.01 12.56
C ILE A 134 4.46 -11.31 11.20
N THR A 135 5.58 -11.43 10.48
CA THR A 135 5.72 -10.90 9.12
C THR A 135 4.69 -11.54 8.18
N ALA A 136 4.43 -12.83 8.37
CA ALA A 136 3.43 -13.57 7.60
C ALA A 136 2.02 -13.03 7.87
N LEU A 137 1.73 -12.75 9.14
CA LEU A 137 0.44 -12.21 9.55
C LEU A 137 0.25 -10.77 9.02
N MET A 138 1.33 -10.00 9.01
CA MET A 138 1.33 -8.66 8.44
C MET A 138 1.06 -8.68 6.94
N ALA A 139 1.56 -9.70 6.26
CA ALA A 139 1.34 -9.85 4.82
C ALA A 139 -0.10 -10.25 4.52
N ASN A 140 -0.69 -11.04 5.41
CA ASN A 140 -2.08 -11.50 5.25
C ASN A 140 -3.08 -10.36 5.40
N VAL A 141 -2.79 -9.45 6.33
CA VAL A 141 -3.60 -8.25 6.56
C VAL A 141 -3.52 -7.31 5.35
N ALA A 142 -2.33 -7.23 4.75
CA ALA A 142 -2.13 -6.44 3.53
C ALA A 142 -2.88 -7.01 2.32
N LEU A 143 -3.23 -8.29 2.40
CA LEU A 143 -3.99 -8.98 1.34
C LEU A 143 -5.51 -8.86 1.52
N ILE A 144 -5.96 -8.91 2.78
CA ILE A 144 -7.40 -8.87 3.11
C ILE A 144 -8.01 -7.47 3.00
N ALA A 145 -7.28 -6.46 3.46
CA ALA A 145 -7.75 -5.07 3.47
C ALA A 145 -8.19 -4.50 2.10
N PRO A 146 -7.43 -4.76 1.01
CA PRO A 146 -7.88 -4.26 -0.30
C PRO A 146 -9.05 -5.05 -0.89
N LEU A 147 -9.41 -6.18 -0.28
CA LEU A 147 -10.58 -6.94 -0.69
C LEU A 147 -11.79 -6.60 0.17
N LEU A 148 -11.59 -6.58 1.49
CA LEU A 148 -12.65 -6.30 2.45
C LEU A 148 -13.06 -4.83 2.43
N GLY A 149 -12.08 -3.95 2.25
CA GLY A 149 -12.28 -2.50 2.25
C GLY A 149 -13.32 -1.96 1.28
N PRO A 150 -13.16 -2.24 -0.03
CA PRO A 150 -14.17 -1.80 -1.01
C PRO A 150 -15.55 -2.43 -0.80
N LEU A 151 -15.59 -3.64 -0.25
CA LEU A 151 -16.83 -4.35 0.00
C LEU A 151 -17.61 -3.73 1.17
N VAL A 152 -16.91 -3.58 2.31
CA VAL A 152 -17.49 -2.94 3.50
C VAL A 152 -17.75 -1.45 3.22
N GLY A 153 -16.85 -0.81 2.50
CA GLY A 153 -16.98 0.61 2.14
C GLY A 153 -18.18 0.92 1.27
N ALA A 154 -18.47 0.03 0.30
CA ALA A 154 -19.64 0.18 -0.56
C ALA A 154 -20.94 -0.05 0.21
N ALA A 155 -20.92 -1.01 1.13
CA ALA A 155 -22.07 -1.31 1.98
C ALA A 155 -22.27 -0.23 3.05
N TRP A 156 -21.18 0.42 3.47
CA TRP A 156 -21.23 1.45 4.50
C TRP A 156 -22.01 2.70 4.05
N ILE A 157 -21.69 3.21 2.86
CA ILE A 157 -22.34 4.43 2.37
C ILE A 157 -23.79 4.25 1.94
N HIS A 158 -24.23 2.99 1.87
CA HIS A 158 -25.64 2.66 1.64
C HIS A 158 -26.47 2.99 2.89
N VAL A 159 -25.85 2.95 4.07
CA VAL A 159 -26.56 3.19 5.34
C VAL A 159 -25.99 4.33 6.19
N LEU A 160 -24.66 4.44 6.24
CA LEU A 160 -24.01 5.38 7.14
C LEU A 160 -23.22 6.45 6.40
N PRO A 161 -23.08 7.65 6.99
CA PRO A 161 -22.29 8.73 6.39
C PRO A 161 -20.79 8.42 6.33
N TRP A 162 -20.11 8.97 5.32
CA TRP A 162 -18.66 8.75 5.16
C TRP A 162 -17.87 9.21 6.39
N GLU A 163 -18.39 10.22 7.08
CA GLU A 163 -17.79 10.73 8.33
C GLU A 163 -17.60 9.61 9.34
N GLY A 164 -18.57 8.70 9.40
CA GLY A 164 -18.56 7.57 10.31
C GLY A 164 -17.39 6.61 10.11
N MET A 165 -16.92 6.50 8.87
CA MET A 165 -15.76 5.67 8.56
C MET A 165 -14.52 6.14 9.30
N PHE A 166 -14.32 7.46 9.36
CA PHE A 166 -13.15 8.03 10.04
C PHE A 166 -13.23 7.89 11.55
N VAL A 167 -14.45 7.85 12.07
CA VAL A 167 -14.69 7.54 13.47
C VAL A 167 -14.29 6.09 13.73
N LEU A 168 -14.64 5.20 12.79
CA LEU A 168 -14.25 3.79 12.88
C LEU A 168 -12.73 3.60 12.84
N PHE A 169 -12.05 4.30 11.92
CA PHE A 169 -10.59 4.22 11.80
C PHE A 169 -9.89 4.67 13.09
N ALA A 170 -10.40 5.76 13.66
CA ALA A 170 -9.86 6.33 14.90
C ALA A 170 -10.14 5.45 16.11
N ALA A 171 -11.31 4.80 16.12
CA ALA A 171 -11.69 3.89 17.20
C ALA A 171 -10.82 2.64 17.21
N LEU A 172 -10.63 2.04 16.03
CA LEU A 172 -9.75 0.88 15.88
C LEU A 172 -8.32 1.23 16.28
N ALA A 173 -7.86 2.41 15.86
CA ALA A 173 -6.56 2.92 16.23
C ALA A 173 -6.44 3.21 17.73
N ALA A 174 -7.53 3.66 18.35
CA ALA A 174 -7.54 3.94 19.78
C ALA A 174 -7.40 2.66 20.60
N ILE A 175 -8.02 1.58 20.13
CA ILE A 175 -7.84 0.25 20.69
C ILE A 175 -6.37 -0.18 20.59
N SER A 176 -5.77 0.05 19.41
CA SER A 176 -4.38 -0.31 19.19
C SER A 176 -3.41 0.55 19.99
N PHE A 177 -3.79 1.80 20.26
CA PHE A 177 -2.97 2.70 21.08
C PHE A 177 -2.82 2.20 22.51
N PHE A 178 -3.96 1.86 23.14
CA PHE A 178 -3.95 1.40 24.52
C PHE A 178 -3.25 0.06 24.67
N GLY A 179 -3.32 -0.76 23.62
CA GLY A 179 -2.63 -2.04 23.57
C GLY A 179 -1.13 -1.91 23.39
N LEU A 180 -0.71 -0.99 22.51
CA LEU A 180 0.70 -0.72 22.26
C LEU A 180 1.35 0.02 23.42
N GLN A 181 0.57 0.80 24.16
CA GLN A 181 1.05 1.52 25.33
C GLN A 181 1.43 0.54 26.44
N ARG A 182 0.62 -0.51 26.59
CA ARG A 182 0.85 -1.52 27.63
C ARG A 182 1.88 -2.58 27.24
N ALA A 183 1.87 -2.99 25.97
CA ALA A 183 2.60 -4.20 25.54
C ALA A 183 3.87 -3.99 24.73
N MET A 184 4.05 -2.80 24.14
CA MET A 184 5.23 -2.55 23.31
C MET A 184 6.49 -2.29 24.15
N PRO A 185 7.55 -3.06 23.91
CA PRO A 185 8.81 -2.84 24.62
C PRO A 185 9.62 -1.68 24.02
N GLU A 186 10.55 -1.16 24.80
CA GLU A 186 11.53 -0.22 24.26
C GLU A 186 12.76 -0.99 23.82
N THR A 187 13.06 -0.94 22.52
CA THR A 187 14.16 -1.71 21.94
C THR A 187 15.19 -0.86 21.18
N ALA A 188 15.06 0.46 21.25
CA ALA A 188 16.00 1.38 20.60
C ALA A 188 17.37 1.30 21.25
N THR A 189 18.40 1.03 20.44
CA THR A 189 19.75 0.78 20.96
C THR A 189 20.72 1.94 20.78
N ARG A 190 20.19 3.11 20.44
CA ARG A 190 21.02 4.31 20.26
C ARG A 190 20.43 5.52 20.98
N ILE A 191 19.74 5.26 22.09
CA ILE A 191 19.10 6.33 22.87
C ILE A 191 20.13 7.29 23.48
N GLY A 192 19.92 8.58 23.23
CA GLY A 192 20.83 9.63 23.70
C GLY A 192 21.74 10.18 22.62
N GLU A 193 22.01 9.35 21.60
CA GLU A 193 22.88 9.74 20.49
C GLU A 193 22.27 10.83 19.63
N LYS A 194 23.10 11.76 19.18
CA LYS A 194 22.65 12.86 18.33
C LYS A 194 22.37 12.36 16.91
N LEU A 195 21.40 12.99 16.25
CA LEU A 195 21.02 12.63 14.89
C LEU A 195 21.54 13.67 13.91
N SER A 196 22.29 13.20 12.92
CA SER A 196 22.89 14.08 11.91
C SER A 196 22.17 13.95 10.57
N LEU A 197 21.41 14.99 10.21
CA LEU A 197 20.65 15.02 8.96
C LEU A 197 21.56 15.03 7.72
N LYS A 198 22.73 15.65 7.86
CA LYS A 198 23.74 15.66 6.79
C LYS A 198 24.28 14.25 6.55
N GLU A 199 24.53 13.53 7.65
CA GLU A 199 25.02 12.16 7.61
C GLU A 199 23.94 11.21 7.07
N LEU A 200 22.69 11.52 7.38
CA LEU A 200 21.54 10.75 6.88
C LEU A 200 21.30 11.01 5.39
N GLY A 201 21.59 12.25 4.97
CA GLY A 201 21.53 12.63 3.56
C GLY A 201 22.56 11.90 2.72
N ARG A 202 23.73 11.63 3.33
CA ARG A 202 24.82 10.90 2.67
C ARG A 202 24.48 9.43 2.48
N ASP A 203 23.70 8.89 3.41
CA ASP A 203 23.29 7.49 3.36
C ASP A 203 22.29 7.22 2.25
N TYR A 204 21.36 8.16 2.05
CA TYR A 204 20.37 8.01 1.01
C TYR A 204 20.93 8.28 -0.37
N LYS A 205 21.93 9.16 -0.45
CA LYS A 205 22.66 9.40 -1.69
C LYS A 205 23.44 8.16 -2.11
N LEU A 206 23.94 7.41 -1.12
CA LEU A 206 24.70 6.18 -1.35
C LEU A 206 23.89 5.02 -1.92
N VAL A 207 22.69 4.76 -1.36
CA VAL A 207 21.82 3.70 -1.89
C VAL A 207 21.27 4.02 -3.28
N LEU A 208 21.05 5.29 -3.56
CA LEU A 208 20.58 5.73 -4.88
C LEU A 208 21.65 5.60 -5.96
N LYS A 209 22.91 5.51 -5.54
CA LYS A 209 24.03 5.27 -6.46
C LYS A 209 24.11 3.80 -6.86
N ASN A 210 23.60 2.92 -5.99
CA ASN A 210 23.50 1.50 -6.29
C ASN A 210 22.49 1.27 -7.41
N GLY A 211 23.01 1.05 -8.62
CA GLY A 211 22.18 0.90 -9.82
C GLY A 211 21.22 -0.27 -9.78
N ARG A 212 21.71 -1.41 -9.30
CA ARG A 212 20.89 -2.63 -9.21
C ARG A 212 19.76 -2.52 -8.17
N PHE A 213 20.01 -1.81 -7.08
CA PHE A 213 18.98 -1.57 -6.07
C PHE A 213 17.82 -0.73 -6.62
N VAL A 214 18.16 0.39 -7.26
CA VAL A 214 17.16 1.32 -7.81
C VAL A 214 16.32 0.66 -8.90
N ALA A 215 16.94 -0.13 -9.77
CA ALA A 215 16.22 -0.85 -10.82
C ALA A 215 15.13 -1.76 -10.27
N GLY A 216 15.45 -2.48 -9.20
CA GLY A 216 14.49 -3.36 -8.53
C GLY A 216 13.42 -2.60 -7.78
N ALA A 217 13.78 -1.45 -7.21
CA ALA A 217 12.87 -0.62 -6.43
C ALA A 217 11.83 0.09 -7.31
N LEU A 218 12.29 0.59 -8.47
CA LEU A 218 11.39 1.19 -9.45
C LEU A 218 10.47 0.11 -10.04
N ALA A 219 11.02 -1.07 -10.27
CA ALA A 219 10.25 -2.20 -10.83
C ALA A 219 9.08 -2.62 -9.94
N LEU A 220 9.27 -2.56 -8.62
CA LEU A 220 8.19 -2.85 -7.66
C LEU A 220 7.08 -1.81 -7.75
N GLY A 221 7.48 -0.57 -8.01
CA GLY A 221 6.52 0.50 -8.21
C GLY A 221 5.74 0.36 -9.51
N PHE A 222 6.44 0.14 -10.61
CA PHE A 222 5.79 0.03 -11.91
C PHE A 222 4.84 -1.17 -11.97
N VAL A 223 5.26 -2.28 -11.39
CA VAL A 223 4.50 -3.53 -11.51
C VAL A 223 3.21 -3.53 -10.69
N SER A 224 3.20 -2.83 -9.57
CA SER A 224 2.01 -2.77 -8.70
C SER A 224 1.10 -1.58 -9.01
N LEU A 225 1.59 -0.65 -9.82
CA LEU A 225 0.81 0.54 -10.18
C LEU A 225 -0.56 0.23 -10.81
N PRO A 226 -0.63 -0.74 -11.75
CA PRO A 226 -1.96 -1.08 -12.28
C PRO A 226 -2.96 -1.48 -11.20
N LEU A 227 -2.52 -2.29 -10.23
CA LEU A 227 -3.38 -2.72 -9.14
C LEU A 227 -3.84 -1.53 -8.30
N LEU A 228 -2.90 -0.65 -7.96
CA LEU A 228 -3.23 0.55 -7.17
C LEU A 228 -4.10 1.52 -7.95
N ALA A 229 -3.87 1.61 -9.26
CA ALA A 229 -4.67 2.48 -10.12
C ALA A 229 -6.09 1.97 -10.27
N TRP A 230 -6.25 0.64 -10.26
CA TRP A 230 -7.58 0.04 -10.22
C TRP A 230 -8.28 0.37 -8.88
N THR A 231 -7.55 0.25 -7.78
CA THR A 231 -8.08 0.59 -6.45
C THR A 231 -8.50 2.05 -6.39
N ALA A 232 -7.69 2.93 -6.97
CA ALA A 232 -7.96 4.37 -6.94
C ALA A 232 -9.15 4.78 -7.78
N GLN A 233 -9.41 4.04 -8.84
CA GLN A 233 -10.33 4.51 -9.89
C GLN A 233 -11.53 3.63 -10.19
N SER A 234 -11.54 2.39 -9.68
CA SER A 234 -12.66 1.48 -9.92
C SER A 234 -14.04 2.06 -9.54
N PRO A 235 -14.12 2.90 -8.48
CA PRO A 235 -15.43 3.53 -8.21
C PRO A 235 -15.92 4.42 -9.36
N ILE A 236 -15.01 5.20 -9.95
CA ILE A 236 -15.40 6.08 -11.06
C ILE A 236 -15.46 5.37 -12.43
N ILE A 237 -14.68 4.31 -12.60
CA ILE A 237 -14.73 3.50 -13.81
C ILE A 237 -16.04 2.69 -13.89
N ILE A 238 -16.44 2.10 -12.77
CA ILE A 238 -17.59 1.20 -12.74
C ILE A 238 -18.93 1.94 -12.55
N ILE A 239 -19.00 2.77 -11.51
CA ILE A 239 -20.27 3.39 -11.14
C ILE A 239 -20.63 4.59 -12.03
N THR A 240 -19.77 5.58 -12.09
CA THR A 240 -20.03 6.74 -12.95
C THR A 240 -19.63 6.52 -14.41
N GLY A 241 -18.63 5.67 -14.65
CA GLY A 241 -18.18 5.36 -15.99
C GLY A 241 -19.09 4.39 -16.73
N GLU A 242 -19.30 3.21 -16.15
CA GLU A 242 -20.10 2.16 -16.80
C GLU A 242 -21.58 2.23 -16.46
N GLN A 243 -21.94 3.16 -15.57
CA GLN A 243 -23.32 3.34 -15.10
C GLN A 243 -23.83 2.09 -14.37
N LEU A 244 -22.97 1.50 -13.54
CA LEU A 244 -23.33 0.31 -12.76
C LEU A 244 -23.59 0.64 -11.28
N SER A 245 -23.90 -0.39 -10.49
CA SER A 245 -24.19 -0.20 -9.06
C SER A 245 -22.99 -0.56 -8.17
N SER A 246 -23.17 -0.35 -6.87
CA SER A 246 -22.18 -0.76 -5.87
C SER A 246 -21.94 -2.26 -5.93
N TYR A 247 -22.99 -3.02 -6.19
CA TYR A 247 -22.93 -4.47 -6.26
C TYR A 247 -21.92 -4.96 -7.31
N GLU A 248 -22.01 -4.42 -8.53
CA GLU A 248 -21.06 -4.76 -9.60
C GLU A 248 -19.66 -4.33 -9.21
N TYR A 249 -19.53 -3.08 -8.75
CA TYR A 249 -18.26 -2.56 -8.30
C TYR A 249 -17.58 -3.52 -7.32
N GLY A 250 -18.32 -3.91 -6.26
CA GLY A 250 -17.80 -4.81 -5.25
C GLY A 250 -17.53 -6.22 -5.75
N LEU A 251 -18.38 -6.70 -6.65
CA LEU A 251 -18.26 -8.05 -7.19
C LEU A 251 -17.00 -8.21 -8.00
N LEU A 252 -16.65 -7.18 -8.77
CA LEU A 252 -15.47 -7.20 -9.63
C LEU A 252 -14.16 -7.14 -8.85
N GLN A 253 -14.25 -6.70 -7.59
CA GLN A 253 -13.09 -6.69 -6.70
C GLN A 253 -12.67 -8.10 -6.28
N VAL A 254 -13.65 -9.01 -6.23
CA VAL A 254 -13.41 -10.38 -5.77
C VAL A 254 -12.43 -11.14 -6.67
N PRO A 255 -12.73 -11.27 -7.99
CA PRO A 255 -11.76 -12.01 -8.80
C PRO A 255 -10.36 -11.39 -8.80
N ILE A 256 -10.30 -10.06 -8.79
CA ILE A 256 -9.02 -9.35 -8.84
C ILE A 256 -8.17 -9.56 -7.58
N PHE A 257 -8.69 -9.19 -6.43
CA PHE A 257 -7.92 -9.37 -5.21
C PHE A 257 -7.91 -10.82 -4.71
N GLY A 258 -8.88 -11.61 -5.17
CA GLY A 258 -8.91 -13.05 -4.90
C GLY A 258 -7.78 -13.77 -5.64
N ALA A 259 -7.51 -13.32 -6.86
CA ALA A 259 -6.38 -13.85 -7.63
C ALA A 259 -5.06 -13.47 -7.00
N LEU A 260 -4.99 -12.26 -6.42
CA LEU A 260 -3.80 -11.81 -5.69
C LEU A 260 -3.48 -12.79 -4.56
N ILE A 261 -4.49 -13.10 -3.75
CA ILE A 261 -4.36 -14.05 -2.65
C ILE A 261 -3.96 -15.44 -3.17
N ALA A 262 -4.63 -15.89 -4.23
CA ALA A 262 -4.33 -17.19 -4.85
C ALA A 262 -2.89 -17.29 -5.33
N GLY A 263 -2.35 -16.20 -5.88
CA GLY A 263 -0.97 -16.13 -6.32
C GLY A 263 0.03 -16.14 -5.17
N ASN A 264 -0.35 -15.55 -4.05
CA ASN A 264 0.45 -15.61 -2.82
C ASN A 264 0.40 -16.98 -2.13
N LEU A 265 -0.76 -17.64 -2.20
CA LEU A 265 -0.91 -18.98 -1.63
C LEU A 265 -0.07 -20.01 -2.41
N LEU A 266 -0.05 -19.89 -3.74
CA LEU A 266 0.76 -20.76 -4.59
C LEU A 266 2.24 -20.51 -4.38
N LEU A 267 2.60 -19.24 -4.17
CA LEU A 267 3.96 -18.83 -3.83
C LEU A 267 4.47 -19.53 -2.57
N ALA A 268 3.60 -19.64 -1.57
CA ALA A 268 3.93 -20.31 -0.31
C ALA A 268 4.27 -21.79 -0.52
N ARG A 269 3.51 -22.46 -1.38
CA ARG A 269 3.73 -23.88 -1.70
C ARG A 269 5.01 -24.11 -2.48
N LEU A 270 5.22 -23.30 -3.52
CA LEU A 270 6.33 -23.49 -4.45
C LEU A 270 7.67 -22.92 -3.96
N THR A 271 7.66 -22.24 -2.82
CA THR A 271 8.83 -21.52 -2.33
C THR A 271 10.04 -22.41 -1.97
N SER A 272 9.77 -23.65 -1.56
CA SER A 272 10.82 -24.59 -1.19
C SER A 272 11.55 -25.19 -2.40
N ARG A 273 10.87 -25.19 -3.54
CA ARG A 273 11.40 -25.83 -4.74
C ARG A 273 11.59 -24.87 -5.92
N ARG A 274 11.54 -23.58 -5.63
CA ARG A 274 11.80 -22.53 -6.63
C ARG A 274 12.65 -21.40 -6.07
N THR A 275 13.62 -20.96 -6.87
CA THR A 275 14.38 -19.76 -6.51
C THR A 275 13.53 -18.52 -6.75
N VAL A 276 13.84 -17.47 -6.01
CA VAL A 276 13.19 -16.17 -6.16
C VAL A 276 13.18 -15.73 -7.63
N ARG A 277 14.31 -15.91 -8.30
CA ARG A 277 14.47 -15.56 -9.71
C ARG A 277 13.45 -16.24 -10.62
N SER A 278 13.29 -17.55 -10.45
CA SER A 278 12.38 -18.33 -11.29
C SER A 278 10.90 -18.03 -11.02
N LEU A 279 10.58 -17.62 -9.79
CA LEU A 279 9.22 -17.22 -9.43
C LEU A 279 8.82 -15.89 -10.06
N ILE A 280 9.81 -15.02 -10.26
CA ILE A 280 9.61 -13.76 -10.96
C ILE A 280 9.32 -14.01 -12.43
N ILE A 281 10.06 -14.92 -13.05
CA ILE A 281 9.82 -15.34 -14.43
C ILE A 281 8.47 -16.05 -14.55
N MET A 282 8.16 -16.87 -13.55
CA MET A 282 6.89 -17.59 -13.47
C MET A 282 5.71 -16.62 -13.44
N GLY A 283 5.77 -15.66 -12.52
CA GLY A 283 4.74 -14.62 -12.39
C GLY A 283 4.71 -13.65 -13.55
N GLY A 284 5.86 -13.47 -14.20
CA GLY A 284 5.99 -12.59 -15.37
C GLY A 284 5.00 -12.89 -16.47
N TRP A 285 4.73 -14.16 -16.71
CA TRP A 285 3.77 -14.59 -17.74
C TRP A 285 2.34 -14.06 -17.51
N PRO A 286 1.69 -14.43 -16.38
CA PRO A 286 0.36 -13.86 -16.11
C PRO A 286 0.32 -12.33 -15.96
N ILE A 287 1.41 -11.72 -15.48
CA ILE A 287 1.49 -10.26 -15.41
C ILE A 287 1.36 -9.64 -16.81
N MET A 288 2.14 -10.13 -17.75
CA MET A 288 2.14 -9.60 -19.12
C MET A 288 0.87 -9.92 -19.90
N ILE A 289 0.45 -11.19 -19.84
CA ILE A 289 -0.76 -11.65 -20.52
C ILE A 289 -1.98 -10.91 -19.99
N GLY A 290 -2.09 -10.82 -18.67
CA GLY A 290 -3.21 -10.15 -18.02
C GLY A 290 -3.36 -8.70 -18.44
N LEU A 291 -2.25 -7.97 -18.43
CA LEU A 291 -2.22 -6.57 -18.85
C LEU A 291 -2.47 -6.41 -20.35
N LEU A 292 -1.93 -7.34 -21.14
CA LEU A 292 -2.12 -7.34 -22.59
C LEU A 292 -3.60 -7.56 -22.96
N VAL A 293 -4.24 -8.51 -22.28
CA VAL A 293 -5.64 -8.83 -22.51
C VAL A 293 -6.54 -7.65 -22.13
N ALA A 294 -6.27 -7.04 -20.98
CA ALA A 294 -7.04 -5.89 -20.52
C ALA A 294 -6.93 -4.71 -21.50
N ALA A 295 -5.73 -4.48 -22.02
CA ALA A 295 -5.49 -3.38 -22.94
C ALA A 295 -6.15 -3.65 -24.30
N ALA A 296 -5.81 -4.77 -24.93
CA ALA A 296 -6.34 -5.13 -26.25
C ALA A 296 -7.86 -5.09 -26.30
N ALA A 297 -8.49 -5.62 -25.26
CA ALA A 297 -9.95 -5.74 -25.20
C ALA A 297 -10.67 -4.41 -25.09
N THR A 298 -10.17 -3.53 -24.22
CA THR A 298 -10.77 -2.20 -24.06
C THR A 298 -10.38 -1.21 -25.17
N VAL A 299 -9.41 -1.59 -26.01
CA VAL A 299 -9.08 -0.79 -27.19
C VAL A 299 -10.03 -1.12 -28.33
N ILE A 300 -10.27 -2.42 -28.55
CA ILE A 300 -11.24 -2.87 -29.55
C ILE A 300 -12.68 -2.58 -29.12
N SER A 301 -12.94 -2.62 -27.81
CA SER A 301 -14.26 -2.39 -27.26
C SER A 301 -14.18 -1.66 -25.92
N SER A 302 -14.46 -0.35 -25.96
CA SER A 302 -14.29 0.55 -24.82
C SER A 302 -15.00 0.13 -23.52
N HIS A 303 -16.12 -0.57 -23.64
CA HIS A 303 -16.93 -0.92 -22.47
C HIS A 303 -16.85 -2.39 -22.09
N ALA A 304 -15.80 -3.07 -22.54
CA ALA A 304 -15.57 -4.48 -22.20
C ALA A 304 -14.94 -4.62 -20.82
N TYR A 305 -15.70 -4.25 -19.79
CA TYR A 305 -15.20 -4.20 -18.41
C TYR A 305 -14.97 -5.58 -17.80
N LEU A 306 -15.73 -6.58 -18.26
CA LEU A 306 -15.52 -7.97 -17.83
C LEU A 306 -14.18 -8.54 -18.33
N TRP A 307 -13.83 -8.24 -19.58
CA TRP A 307 -12.51 -8.57 -20.13
C TRP A 307 -11.40 -7.84 -19.41
N MET A 308 -11.68 -6.59 -19.03
CA MET A 308 -10.75 -5.78 -18.25
C MET A 308 -10.51 -6.41 -16.86
N THR A 309 -11.60 -6.81 -16.21
CA THR A 309 -11.54 -7.49 -14.90
C THR A 309 -10.81 -8.82 -15.01
N ALA A 310 -11.08 -9.57 -16.07
CA ALA A 310 -10.44 -10.86 -16.32
C ALA A 310 -8.92 -10.69 -16.49
N GLY A 311 -8.52 -9.69 -17.28
CA GLY A 311 -7.11 -9.38 -17.48
C GLY A 311 -6.40 -8.95 -16.21
N LEU A 312 -7.07 -8.10 -15.42
CA LEU A 312 -6.51 -7.64 -14.16
C LEU A 312 -6.39 -8.76 -13.13
N SER A 313 -7.33 -9.72 -13.16
CA SER A 313 -7.26 -10.89 -12.27
C SER A 313 -6.07 -11.78 -12.60
N ILE A 314 -5.86 -12.06 -13.89
CA ILE A 314 -4.69 -12.81 -14.35
C ILE A 314 -3.40 -12.08 -13.96
N TYR A 315 -3.38 -10.75 -14.14
CA TYR A 315 -2.23 -9.94 -13.78
C TYR A 315 -1.99 -9.96 -12.26
N ALA A 316 -3.08 -9.83 -11.49
CA ALA A 316 -2.99 -9.83 -10.03
C ALA A 316 -2.44 -11.14 -9.49
N PHE A 317 -2.78 -12.25 -10.18
CA PHE A 317 -2.25 -13.57 -9.84
C PHE A 317 -0.74 -13.61 -9.98
N GLY A 318 -0.24 -13.02 -11.07
CA GLY A 318 1.20 -12.89 -11.31
C GLY A 318 1.93 -12.06 -10.28
N ILE A 319 1.29 -11.00 -9.79
CA ILE A 319 1.87 -10.13 -8.76
C ILE A 319 1.99 -10.90 -7.42
N GLY A 320 0.97 -11.66 -7.08
CA GLY A 320 0.97 -12.46 -5.87
C GLY A 320 2.12 -13.45 -5.85
N LEU A 321 2.47 -13.93 -7.04
CA LEU A 321 3.51 -14.93 -7.20
C LEU A 321 4.92 -14.32 -7.25
N ALA A 322 5.05 -13.16 -7.86
CA ALA A 322 6.35 -12.54 -8.17
C ALA A 322 6.79 -11.41 -7.24
N ASN A 323 5.85 -10.78 -6.54
CA ASN A 323 6.14 -9.57 -5.77
C ASN A 323 7.06 -9.78 -4.56
N ALA A 324 6.70 -10.71 -3.68
CA ALA A 324 7.46 -10.98 -2.47
C ALA A 324 8.92 -11.32 -2.79
N GLY A 325 9.11 -12.10 -3.86
CA GLY A 325 10.44 -12.45 -4.34
C GLY A 325 11.26 -11.24 -4.75
N LEU A 326 10.67 -10.35 -5.55
CA LEU A 326 11.35 -9.12 -5.97
C LEU A 326 11.67 -8.19 -4.78
N VAL A 327 10.78 -8.16 -3.78
CA VAL A 327 11.05 -7.40 -2.55
C VAL A 327 12.33 -7.95 -1.92
N ARG A 328 12.41 -9.27 -1.80
CA ARG A 328 13.55 -9.96 -1.20
C ARG A 328 14.87 -9.65 -1.92
N LEU A 329 14.88 -9.78 -3.24
CA LEU A 329 16.09 -9.47 -4.03
C LEU A 329 16.50 -8.01 -3.96
N THR A 330 15.52 -7.11 -3.95
CA THR A 330 15.78 -5.67 -3.86
C THR A 330 16.41 -5.30 -2.51
N LEU A 331 15.92 -5.92 -1.44
CA LEU A 331 16.49 -5.74 -0.10
C LEU A 331 17.95 -6.14 -0.02
N PHE A 332 18.30 -7.22 -0.71
CA PHE A 332 19.66 -7.75 -0.68
C PHE A 332 20.53 -7.29 -1.85
N ALA A 333 19.98 -6.41 -2.68
CA ALA A 333 20.73 -5.79 -3.78
C ALA A 333 21.65 -4.67 -3.27
N SER A 334 21.40 -4.22 -2.05
CA SER A 334 22.22 -3.22 -1.39
C SER A 334 22.71 -3.76 -0.06
N ASP A 335 24.02 -3.82 0.10
CA ASP A 335 24.64 -4.24 1.36
C ASP A 335 24.81 -3.02 2.26
N MET A 336 23.69 -2.57 2.81
CA MET A 336 23.62 -1.39 3.66
C MET A 336 22.51 -1.56 4.70
N SER A 337 22.47 -0.66 5.68
CA SER A 337 21.48 -0.69 6.75
C SER A 337 20.07 -1.00 6.25
N LYS A 338 19.45 -2.02 6.82
CA LYS A 338 18.11 -2.47 6.40
C LYS A 338 17.04 -1.41 6.54
N GLY A 339 17.10 -0.62 7.62
CA GLY A 339 16.21 0.52 7.82
C GLY A 339 16.29 1.54 6.69
N THR A 340 17.52 1.84 6.25
CA THR A 340 17.75 2.77 5.15
C THR A 340 17.25 2.19 3.83
N VAL A 341 17.58 0.93 3.57
CA VAL A 341 17.17 0.24 2.34
C VAL A 341 15.64 0.12 2.25
N SER A 342 15.00 -0.32 3.33
CA SER A 342 13.55 -0.42 3.40
C SER A 342 12.86 0.92 3.12
N ALA A 343 13.31 1.96 3.81
CA ALA A 343 12.75 3.30 3.65
C ALA A 343 12.93 3.81 2.21
N ALA A 344 14.10 3.56 1.63
CA ALA A 344 14.42 4.00 0.27
C ALA A 344 13.52 3.33 -0.75
N MET A 345 13.31 2.03 -0.61
CA MET A 345 12.50 1.29 -1.59
C MET A 345 11.01 1.50 -1.37
N GLU A 346 10.63 1.88 -0.16
CA GLU A 346 9.26 2.25 0.16
C GLU A 346 8.96 3.64 -0.41
N MET A 347 9.96 4.53 -0.31
CA MET A 347 9.86 5.90 -0.81
C MET A 347 9.79 5.94 -2.34
N LEU A 348 10.65 5.13 -2.97
CA LEU A 348 10.74 5.09 -4.43
C LEU A 348 9.50 4.52 -5.13
N GLN A 349 8.98 3.40 -4.60
CA GLN A 349 7.80 2.77 -5.19
C GLN A 349 6.52 3.61 -4.97
N MET A 350 6.49 4.37 -3.88
CA MET A 350 5.35 5.24 -3.62
C MET A 350 5.42 6.58 -4.35
N LEU A 351 6.59 6.92 -4.88
CA LEU A 351 6.72 8.04 -5.79
C LEU A 351 6.03 7.68 -7.12
N ILE A 352 6.27 6.46 -7.57
CA ILE A 352 5.71 5.93 -8.81
C ILE A 352 4.19 5.75 -8.70
N PHE A 353 3.73 5.33 -7.53
CA PHE A 353 2.29 5.18 -7.26
C PHE A 353 1.58 6.51 -7.38
N THR A 354 2.07 7.50 -6.63
CA THR A 354 1.44 8.82 -6.58
C THR A 354 1.43 9.50 -7.95
N VAL A 355 2.57 9.48 -8.64
CA VAL A 355 2.66 10.08 -9.98
C VAL A 355 1.78 9.29 -10.96
N GLY A 356 1.92 7.96 -10.89
CA GLY A 356 1.20 7.04 -11.78
C GLY A 356 -0.32 7.05 -11.66
N ILE A 357 -0.83 7.17 -10.45
CA ILE A 357 -2.29 7.28 -10.23
C ILE A 357 -2.84 8.55 -10.87
N GLU A 358 -2.11 9.65 -10.72
CA GLU A 358 -2.50 10.93 -11.33
C GLU A 358 -2.46 10.89 -12.85
N ILE A 359 -1.41 10.28 -13.42
CA ILE A 359 -1.35 10.07 -14.86
C ILE A 359 -2.49 9.15 -15.29
N SER A 360 -2.66 8.04 -14.57
CA SER A 360 -3.74 7.08 -14.78
C SER A 360 -5.12 7.75 -14.80
N LYS A 361 -5.32 8.69 -13.88
CA LYS A 361 -6.56 9.46 -13.78
C LYS A 361 -6.85 10.24 -15.07
N HIS A 362 -5.85 10.99 -15.53
CA HIS A 362 -5.96 11.76 -16.77
C HIS A 362 -6.11 10.86 -17.99
N ALA A 363 -5.46 9.70 -17.95
CA ALA A 363 -5.60 8.72 -19.03
C ALA A 363 -7.06 8.30 -19.21
N TRP A 364 -7.72 7.97 -18.10
CA TRP A 364 -9.11 7.54 -18.13
C TRP A 364 -10.08 8.70 -18.43
N LEU A 365 -9.81 9.87 -17.86
CA LEU A 365 -10.63 11.06 -18.10
C LEU A 365 -10.67 11.46 -19.57
N ASN A 366 -9.54 11.28 -20.26
CA ASN A 366 -9.41 11.72 -21.65
C ASN A 366 -9.65 10.64 -22.69
N GLY A 367 -9.50 9.38 -22.30
CA GLY A 367 -9.57 8.27 -23.25
C GLY A 367 -10.30 7.02 -22.82
N GLY A 368 -10.89 7.04 -21.63
CA GLY A 368 -11.69 5.92 -21.15
C GLY A 368 -10.87 4.71 -20.73
N ASN A 369 -11.52 3.55 -20.75
CA ASN A 369 -10.90 2.29 -20.30
C ASN A 369 -9.71 1.85 -21.15
N GLY A 370 -9.79 2.11 -22.46
CA GLY A 370 -8.71 1.78 -23.38
C GLY A 370 -7.39 2.41 -22.95
N LEU A 371 -7.45 3.70 -22.65
CA LEU A 371 -6.27 4.46 -22.24
C LEU A 371 -5.85 4.14 -20.81
N PHE A 372 -6.81 3.90 -19.93
CA PHE A 372 -6.51 3.45 -18.58
C PHE A 372 -5.68 2.18 -18.62
N ASN A 373 -6.09 1.24 -19.47
CA ASN A 373 -5.44 -0.05 -19.58
C ASN A 373 -4.12 -0.04 -20.34
N LEU A 374 -4.03 0.80 -21.36
CA LEU A 374 -2.77 0.97 -22.11
C LEU A 374 -1.66 1.57 -21.24
N PHE A 375 -2.01 2.48 -20.35
CA PHE A 375 -1.03 3.03 -19.42
C PHE A 375 -0.55 1.94 -18.45
N ASN A 376 -1.49 1.11 -17.98
CA ASN A 376 -1.14 -0.04 -17.17
C ASN A 376 -0.18 -1.00 -17.89
N LEU A 377 -0.41 -1.20 -19.19
CA LEU A 377 0.45 -2.07 -20.00
C LEU A 377 1.89 -1.54 -20.08
N VAL A 378 2.02 -0.23 -20.24
CA VAL A 378 3.34 0.43 -20.27
C VAL A 378 4.09 0.16 -18.97
N ASN A 379 3.40 0.34 -17.84
CA ASN A 379 3.96 0.05 -16.52
C ASN A 379 4.47 -1.38 -16.38
N GLY A 380 3.76 -2.34 -16.98
CA GLY A 380 4.21 -3.72 -17.03
C GLY A 380 5.50 -3.88 -17.84
N ILE A 381 5.51 -3.30 -19.03
CA ILE A 381 6.69 -3.33 -19.91
C ILE A 381 7.90 -2.70 -19.22
N LEU A 382 7.69 -1.61 -18.49
CA LEU A 382 8.76 -0.98 -17.70
C LEU A 382 9.29 -1.91 -16.61
N TRP A 383 8.39 -2.63 -15.94
CA TRP A 383 8.80 -3.65 -14.98
C TRP A 383 9.58 -4.75 -15.69
N LEU A 384 9.03 -5.21 -16.83
CA LEU A 384 9.66 -6.28 -17.61
C LEU A 384 11.05 -5.90 -18.11
N SER A 385 11.20 -4.66 -18.54
CA SER A 385 12.46 -4.12 -19.04
C SER A 385 13.50 -4.04 -17.93
N LEU A 386 13.08 -3.62 -16.73
CA LEU A 386 13.97 -3.58 -15.58
C LEU A 386 14.36 -4.99 -15.14
N MET A 387 13.50 -5.97 -15.35
CA MET A 387 13.80 -7.36 -14.98
C MET A 387 14.86 -8.02 -15.86
N VAL A 388 14.89 -7.67 -17.15
CA VAL A 388 15.92 -8.22 -18.05
C VAL A 388 17.33 -7.75 -17.65
N ILE A 389 17.43 -6.57 -17.05
CA ILE A 389 18.70 -6.07 -16.50
C ILE A 389 18.93 -6.61 -15.09
N PHE A 390 17.93 -6.44 -14.22
CA PHE A 390 18.01 -6.85 -12.81
C PHE A 390 18.32 -8.33 -12.64
N LEU A 391 17.81 -9.16 -13.54
CA LEU A 391 18.03 -10.61 -13.51
C LEU A 391 19.20 -11.06 -14.39
N LYS A 392 19.39 -10.42 -15.54
CA LYS A 392 20.43 -10.78 -16.49
C LYS A 392 21.37 -9.62 -16.80
N1 LDA B . -3.49 -0.94 -1.19
O1 LDA B . -4.04 -2.06 -1.20
CM1 LDA B . -2.08 -1.12 -1.60
CM2 LDA B . -4.19 -0.09 -2.16
C1 LDA B . -3.57 -0.39 0.17
C2 LDA B . -2.95 1.00 0.35
C3 LDA B . -1.98 1.04 1.53
C4 LDA B . -0.56 1.34 1.07
C5 LDA B . 0.32 0.09 1.15
C6 LDA B . 1.26 0.00 -0.06
C7 LDA B . 1.57 -1.45 -0.40
C8 LDA B . 2.30 -1.58 -1.73
C9 LDA B . 1.37 -2.14 -2.81
C10 LDA B . 1.90 -3.46 -3.37
C11 LDA B . 0.77 -4.47 -3.54
C12 LDA B . 1.30 -5.87 -3.75
N1 LDA C . 8.18 -2.63 0.52
O1 LDA C . 8.88 -1.85 -0.22
CM1 LDA C . 7.36 -1.84 1.49
CM2 LDA C . 7.26 -3.40 -0.35
C1 LDA C . 9.05 -3.63 1.21
C2 LDA C . 10.25 -3.00 1.93
C3 LDA C . 10.32 -3.43 3.40
C4 LDA C . 10.57 -4.94 3.59
C5 LDA C . 9.82 -5.54 4.81
C6 LDA C . 8.31 -5.22 4.76
C7 LDA C . 7.44 -6.27 5.46
C8 LDA C . 6.94 -5.79 6.85
C9 LDA C . 5.89 -4.63 6.87
C10 LDA C . 4.91 -4.56 5.67
C11 LDA C . 3.68 -5.44 5.86
C12 LDA C . 2.95 -5.61 4.51
PR PR D . 24.69 5.86 8.67
PR PR E . 28.44 7.69 7.81
#